data_4JCY
#
_entry.id   4JCY
#
_cell.length_a   62.340
_cell.length_b   62.340
_cell.length_c   158.080
_cell.angle_alpha   90.00
_cell.angle_beta   90.00
_cell.angle_gamma   120.00
#
_symmetry.space_group_name_H-M   'P 61'
#
loop_
_entity.id
_entity.type
_entity.pdbx_description
1 polymer 'Csp231I C protein'
2 polymer "DNA (5'-D(*AP*AP*AP*CP*TP*AP*AP*GP*AP*AP*AP*AP*TP*CP*TP*TP*AP*GP*CP*AP*A)-3')"
3 polymer "DNA (5'-D(*TP*TP*GP*CP*TP*AP*AP*GP*AP*TP*TP*TP*TP*CP*TP*TP*AP*GP*TP*TP*T)-3')"
4 non-polymer 'IODIDE ION'
5 water water
#
loop_
_entity_poly.entity_id
_entity_poly.type
_entity_poly.pdbx_seq_one_letter_code
_entity_poly.pdbx_strand_id
1 'polypeptide(L)'
;MLIRRLKDARLRAGISQEKLGVLAGIDEASASARMNQYEKGKHAPDFEMANRLAKVLKIPVSYLYTPEDDLAQIILTWNE
LNEQERKRINFYIRKKAK
;
A,B
2 'polydeoxyribonucleotide'
;(DA)(DA)(DA)(DC)(DT)(DA)(DA)(DG)(DA)(DA)(DA)(DA)(DT)(DC)(DT)(DT)(DA)(DG)(DC)(DA)
(DA)
;
C
3 'polydeoxyribonucleotide'
;(DT)(DT)(DG)(DC)(DT)(DA)(DA)(DG)(DA)(DT)(DT)(DT)(DT)(DC)(DT)(DT)(DA)(DG)(DT)(DT)
(DT)
;
D
#
# COMPACT_ATOMS: atom_id res chain seq x y z
N MET A 1 -0.07 3.01 -7.18
CA MET A 1 -1.05 3.81 -6.38
C MET A 1 -2.40 3.91 -7.05
N LEU A 2 -3.44 3.82 -6.24
CA LEU A 2 -4.81 3.83 -6.73
C LEU A 2 -5.36 5.24 -6.82
N ILE A 3 -5.58 5.69 -8.05
CA ILE A 3 -5.96 7.09 -8.28
C ILE A 3 -7.24 7.48 -7.56
N ARG A 4 -8.16 6.54 -7.43
CA ARG A 4 -9.42 6.87 -6.74
C ARG A 4 -9.23 7.07 -5.23
N ARG A 5 -8.32 6.32 -4.64
CA ARG A 5 -7.97 6.50 -3.24
C ARG A 5 -7.38 7.90 -3.00
N LEU A 6 -6.48 8.31 -3.89
CA LEU A 6 -5.87 9.63 -3.83
C LEU A 6 -6.92 10.72 -3.97
N LYS A 7 -7.80 10.59 -4.97
CA LYS A 7 -8.82 11.62 -5.21
C LYS A 7 -9.79 11.72 -4.04
N ASP A 8 -10.32 10.58 -3.61
CA ASP A 8 -11.27 10.54 -2.51
C ASP A 8 -10.70 11.18 -1.24
N ALA A 9 -9.46 10.82 -0.90
CA ALA A 9 -8.77 11.38 0.26
C ALA A 9 -8.49 12.87 0.14
N ARG A 10 -8.10 13.32 -1.05
CA ARG A 10 -7.89 14.75 -1.30
C ARG A 10 -9.18 15.55 -1.16
N LEU A 11 -10.27 15.03 -1.71
CA LEU A 11 -11.54 15.74 -1.65
C LEU A 11 -12.05 15.85 -0.21
N ARG A 12 -11.81 14.81 0.60
CA ARG A 12 -12.18 14.86 2.01
C ARG A 12 -11.34 15.90 2.77
N ALA A 13 -10.10 16.08 2.35
CA ALA A 13 -9.21 17.08 2.93
C ALA A 13 -9.61 18.49 2.50
N GLY A 14 -10.34 18.59 1.40
CA GLY A 14 -10.83 19.89 0.90
C GLY A 14 -9.76 20.79 0.33
N ILE A 15 -8.74 20.19 -0.28
CA ILE A 15 -7.64 20.96 -0.87
C ILE A 15 -7.50 20.66 -2.37
N SER A 16 -6.95 21.62 -3.12
CA SER A 16 -6.71 21.42 -4.55
C SER A 16 -5.53 20.48 -4.78
N GLN A 17 -5.41 19.98 -6.01
CA GLN A 17 -4.27 19.14 -6.42
C GLN A 17 -2.95 19.87 -6.21
N GLU A 18 -2.91 21.13 -6.62
CA GLU A 18 -1.73 21.98 -6.44
C GLU A 18 -1.36 22.15 -4.97
N LYS A 19 -2.34 22.48 -4.14
CA LYS A 19 -2.11 22.69 -2.71
C LYS A 19 -1.58 21.42 -2.04
N LEU A 20 -2.18 20.28 -2.37
CA LEU A 20 -1.69 19.00 -1.89
C LEU A 20 -0.22 18.81 -2.25
N GLY A 21 0.12 19.06 -3.52
CA GLY A 21 1.51 18.99 -3.99
C GLY A 21 2.45 19.91 -3.24
N VAL A 22 2.06 21.17 -3.08
CA VAL A 22 2.90 22.15 -2.37
C VAL A 22 3.14 21.72 -0.91
N LEU A 23 2.06 21.36 -0.22
CA LEU A 23 2.16 20.91 1.17
C LEU A 23 3.03 19.67 1.31
N ALA A 24 3.02 18.81 0.28
CA ALA A 24 3.85 17.59 0.26
C ALA A 24 5.28 17.84 -0.25
N GLY A 25 5.63 19.11 -0.44
CA GLY A 25 7.01 19.48 -0.72
C GLY A 25 7.42 19.53 -2.19
N ILE A 26 6.45 19.40 -3.10
CA ILE A 26 6.75 19.55 -4.51
C ILE A 26 6.95 21.03 -4.80
N ASP A 27 7.95 21.34 -5.62
CA ASP A 27 8.19 22.72 -6.01
C ASP A 27 6.94 23.39 -6.55
N GLU A 28 6.77 24.65 -6.19
CA GLU A 28 5.61 25.46 -6.56
C GLU A 28 5.40 25.50 -8.08
N ALA A 29 6.48 25.37 -8.84
CA ALA A 29 6.43 25.44 -10.30
C ALA A 29 5.91 24.18 -10.98
N SER A 30 5.93 23.04 -10.27
CA SER A 30 5.49 21.77 -10.86
C SER A 30 4.40 21.05 -10.08
N ALA A 31 3.96 21.63 -8.95
CA ALA A 31 2.98 20.96 -8.09
C ALA A 31 1.67 20.65 -8.80
N SER A 32 1.10 21.64 -9.49
CA SER A 32 -0.17 21.44 -10.20
C SER A 32 -0.10 20.30 -11.21
N ALA A 33 0.91 20.35 -12.08
CA ALA A 33 1.10 19.33 -13.12
C ALA A 33 1.28 17.94 -12.50
N ARG A 34 2.26 17.80 -11.62
CA ARG A 34 2.57 16.50 -11.04
C ARG A 34 1.35 15.93 -10.31
N MET A 35 0.77 16.71 -9.41
CA MET A 35 -0.39 16.22 -8.69
C MET A 35 -1.47 15.72 -9.64
N ASN A 36 -1.73 16.49 -10.70
CA ASN A 36 -2.70 16.08 -11.70
C ASN A 36 -2.31 14.77 -12.39
N GLN A 37 -1.05 14.63 -12.76
CA GLN A 37 -0.57 13.40 -13.38
C GLN A 37 -0.82 12.19 -12.48
N TYR A 38 -0.62 12.37 -11.17
CA TYR A 38 -0.85 11.28 -10.23
C TYR A 38 -2.33 10.93 -10.13
N GLU A 39 -3.18 11.95 -10.04
CA GLU A 39 -4.61 11.71 -9.84
C GLU A 39 -5.29 11.17 -11.10
N LYS A 40 -4.73 11.50 -12.26
CA LYS A 40 -5.27 11.03 -13.54
C LYS A 40 -4.65 9.70 -13.97
N GLY A 41 -3.64 9.25 -13.23
CA GLY A 41 -2.96 7.98 -13.49
C GLY A 41 -2.03 8.05 -14.68
N LYS A 42 -1.53 9.24 -14.99
CA LYS A 42 -0.56 9.44 -16.05
C LYS A 42 0.81 8.89 -15.67
N HIS A 43 1.23 9.19 -14.44
CA HIS A 43 2.45 8.67 -13.84
C HIS A 43 2.17 8.30 -12.39
N ALA A 44 2.95 7.37 -11.83
CA ALA A 44 2.84 7.01 -10.43
C ALA A 44 3.92 7.70 -9.61
N PRO A 45 3.58 8.21 -8.41
CA PRO A 45 4.62 8.72 -7.53
C PRO A 45 5.40 7.57 -6.95
N ASP A 46 6.65 7.82 -6.53
CA ASP A 46 7.38 6.82 -5.77
C ASP A 46 6.84 6.75 -4.33
N PHE A 47 7.26 5.73 -3.60
CA PHE A 47 6.75 5.49 -2.27
C PHE A 47 7.06 6.63 -1.28
N GLU A 48 8.25 7.21 -1.42
CA GLU A 48 8.60 8.36 -0.59
C GLU A 48 7.58 9.48 -0.75
N MET A 49 7.24 9.80 -2.01
CA MET A 49 6.23 10.83 -2.28
C MET A 49 4.86 10.43 -1.73
N ALA A 50 4.48 9.17 -1.93
CA ALA A 50 3.20 8.68 -1.42
C ALA A 50 3.10 8.90 0.08
N ASN A 51 4.18 8.59 0.81
CA ASN A 51 4.25 8.85 2.25
C ASN A 51 4.05 10.33 2.60
N ARG A 52 4.68 11.23 1.85
CA ARG A 52 4.50 12.67 2.05
C ARG A 52 3.05 13.12 1.78
N LEU A 53 2.44 12.55 0.74
CA LEU A 53 1.04 12.82 0.43
C LEU A 53 0.11 12.34 1.53
N ALA A 54 0.37 11.14 2.04
CA ALA A 54 -0.47 10.54 3.06
C ALA A 54 -0.47 11.38 4.34
N LYS A 55 0.71 11.89 4.70
CA LYS A 55 0.85 12.76 5.88
C LYS A 55 -0.02 14.00 5.75
N VAL A 56 0.01 14.64 4.57
CA VAL A 56 -0.80 15.84 4.30
C VAL A 56 -2.30 15.52 4.38
N LEU A 57 -2.68 14.36 3.82
CA LEU A 57 -4.06 13.91 3.79
C LEU A 57 -4.54 13.28 5.09
N LYS A 58 -3.63 13.11 6.05
CA LYS A 58 -3.97 12.52 7.35
C LYS A 58 -4.57 11.11 7.21
N ILE A 59 -3.91 10.28 6.41
CA ILE A 59 -4.33 8.90 6.21
C ILE A 59 -3.10 8.00 6.32
N PRO A 60 -3.30 6.71 6.67
CA PRO A 60 -2.17 5.79 6.57
C PRO A 60 -1.82 5.61 5.10
N VAL A 61 -0.53 5.57 4.79
CA VAL A 61 -0.10 5.53 3.40
C VAL A 61 -0.67 4.32 2.63
N SER A 62 -0.83 3.18 3.31
CA SER A 62 -1.30 1.98 2.61
C SER A 62 -2.73 2.07 2.10
N TYR A 63 -3.50 3.04 2.60
CA TYR A 63 -4.83 3.32 2.05
C TYR A 63 -4.75 3.53 0.54
N LEU A 64 -3.72 4.25 0.10
CA LEU A 64 -3.53 4.57 -1.31
C LEU A 64 -3.18 3.36 -2.17
N TYR A 65 -2.88 2.23 -1.52
CA TYR A 65 -2.47 1.02 -2.21
C TYR A 65 -3.37 -0.19 -1.92
N THR A 66 -4.55 0.08 -1.36
CA THR A 66 -5.51 -0.97 -0.98
C THR A 66 -6.70 -1.04 -1.95
N PRO A 67 -6.70 -2.03 -2.88
CA PRO A 67 -7.81 -2.12 -3.85
C PRO A 67 -9.12 -2.61 -3.26
N GLU A 68 -9.03 -3.33 -2.15
CA GLU A 68 -10.20 -3.91 -1.49
C GLU A 68 -10.96 -2.81 -0.72
N ASP A 69 -12.16 -2.48 -1.18
CA ASP A 69 -12.94 -1.39 -0.58
C ASP A 69 -13.16 -1.58 0.92
N ASP A 70 -13.47 -2.81 1.33
CA ASP A 70 -13.75 -3.08 2.74
C ASP A 70 -12.51 -2.95 3.62
N LEU A 71 -11.37 -3.42 3.13
CA LEU A 71 -10.10 -3.28 3.84
C LEU A 71 -9.68 -1.81 3.90
N ALA A 72 -9.86 -1.09 2.79
CA ALA A 72 -9.54 0.34 2.75
C ALA A 72 -10.30 1.11 3.82
N GLN A 73 -11.59 0.79 3.98
CA GLN A 73 -12.40 1.41 5.03
C GLN A 73 -11.91 1.05 6.44
N ILE A 74 -11.51 -0.20 6.65
CA ILE A 74 -10.92 -0.63 7.92
C ILE A 74 -9.69 0.23 8.23
N ILE A 75 -8.84 0.42 7.23
CA ILE A 75 -7.63 1.20 7.38
C ILE A 75 -7.96 2.64 7.77
N LEU A 76 -8.98 3.22 7.13
CA LEU A 76 -9.43 4.57 7.44
C LEU A 76 -9.95 4.70 8.87
N THR A 77 -10.77 3.74 9.27
CA THR A 77 -11.36 3.76 10.60
C THR A 77 -10.28 3.56 11.67
N TRP A 78 -9.41 2.59 11.44
CA TRP A 78 -8.28 2.30 12.33
C TRP A 78 -7.41 3.53 12.57
N ASN A 79 -7.24 4.35 11.54
CA ASN A 79 -6.44 5.58 11.61
C ASN A 79 -6.91 6.55 12.70
N GLU A 80 -8.23 6.55 12.96
CA GLU A 80 -8.83 7.47 13.91
C GLU A 80 -9.00 6.91 15.32
N LEU A 81 -8.67 5.63 15.51
CA LEU A 81 -8.80 5.00 16.82
C LEU A 81 -7.64 5.37 17.73
N ASN A 82 -7.94 5.63 19.00
CA ASN A 82 -6.92 5.82 20.02
C ASN A 82 -6.27 4.49 20.40
N GLU A 83 -5.27 4.55 21.27
CA GLU A 83 -4.52 3.35 21.70
C GLU A 83 -5.42 2.26 22.28
N GLN A 84 -6.22 2.63 23.28
CA GLN A 84 -7.14 1.70 23.94
C GLN A 84 -8.06 0.99 22.94
N GLU A 85 -8.46 1.72 21.91
CA GLU A 85 -9.33 1.18 20.87
C GLU A 85 -8.58 0.23 19.95
N ARG A 86 -7.36 0.61 19.56
CA ARG A 86 -6.52 -0.26 18.73
C ARG A 86 -6.16 -1.56 19.45
N LYS A 87 -5.99 -1.46 20.77
CA LYS A 87 -5.72 -2.64 21.59
C LYS A 87 -6.85 -3.67 21.51
N ARG A 88 -8.10 -3.20 21.54
CA ARG A 88 -9.26 -4.11 21.54
C ARG A 88 -9.49 -4.84 20.20
N ILE A 89 -9.12 -4.20 19.09
CA ILE A 89 -9.16 -4.86 17.79
C ILE A 89 -8.01 -5.86 17.67
N ASN A 90 -6.82 -5.44 18.09
CA ASN A 90 -5.64 -6.31 18.07
C ASN A 90 -5.94 -7.62 18.79
N PHE A 91 -6.79 -7.52 19.81
CA PHE A 91 -7.29 -8.68 20.52
C PHE A 91 -8.28 -9.47 19.66
N TYR A 92 -9.23 -8.76 19.04
CA TYR A 92 -10.36 -9.35 18.34
C TYR A 92 -9.94 -10.16 17.10
N MET B 1 7.27 0.70 -1.64
CA MET B 1 7.27 -0.76 -1.37
C MET B 1 8.28 -1.11 -0.26
N LEU B 2 7.79 -1.75 0.79
CA LEU B 2 8.59 -2.01 1.98
C LEU B 2 9.35 -3.32 1.87
N ILE B 3 10.67 -3.24 1.85
CA ILE B 3 11.48 -4.42 1.58
C ILE B 3 11.34 -5.51 2.64
N ARG B 4 11.13 -5.11 3.88
CA ARG B 4 10.94 -6.08 4.97
C ARG B 4 9.65 -6.89 4.78
N ARG B 5 8.60 -6.21 4.31
CA ARG B 5 7.32 -6.86 4.07
C ARG B 5 7.43 -7.90 2.98
N LEU B 6 8.10 -7.54 1.88
CA LEU B 6 8.34 -8.46 0.79
C LEU B 6 9.11 -9.70 1.25
N LYS B 7 10.20 -9.49 1.98
CA LYS B 7 11.06 -10.57 2.46
C LYS B 7 10.30 -11.49 3.42
N ASP B 8 9.60 -10.89 4.38
CA ASP B 8 8.87 -11.68 5.39
C ASP B 8 7.81 -12.56 4.75
N ALA B 9 7.05 -11.98 3.82
CA ALA B 9 6.02 -12.69 3.06
C ALA B 9 6.62 -13.79 2.18
N ARG B 10 7.75 -13.51 1.54
CA ARG B 10 8.43 -14.52 0.73
C ARG B 10 8.91 -15.71 1.55
N LEU B 11 9.51 -15.43 2.71
CA LEU B 11 10.01 -16.52 3.54
C LEU B 11 8.85 -17.35 4.09
N ARG B 12 7.74 -16.72 4.44
CA ARG B 12 6.56 -17.48 4.87
C ARG B 12 6.00 -18.36 3.73
N ALA B 13 6.12 -17.87 2.50
CA ALA B 13 5.69 -18.64 1.33
C ALA B 13 6.68 -19.78 0.99
N GLY B 14 7.90 -19.67 1.51
CA GLY B 14 8.89 -20.74 1.39
C GLY B 14 9.54 -20.88 0.03
N ILE B 15 9.55 -19.80 -0.74
CA ILE B 15 10.13 -19.82 -2.08
C ILE B 15 11.33 -18.89 -2.21
N SER B 16 12.20 -19.19 -3.16
CA SER B 16 13.34 -18.35 -3.48
C SER B 16 12.91 -17.05 -4.15
N GLN B 17 13.81 -16.07 -4.16
CA GLN B 17 13.60 -14.81 -4.87
C GLN B 17 13.29 -15.04 -6.35
N GLU B 18 14.11 -15.89 -6.99
CA GLU B 18 13.93 -16.23 -8.39
C GLU B 18 12.57 -16.88 -8.65
N LYS B 19 12.19 -17.83 -7.81
CA LYS B 19 10.94 -18.57 -7.99
C LYS B 19 9.74 -17.63 -7.84
N LEU B 20 9.82 -16.74 -6.86
CA LEU B 20 8.79 -15.73 -6.68
C LEU B 20 8.65 -14.90 -7.96
N GLY B 21 9.78 -14.49 -8.53
CA GLY B 21 9.80 -13.74 -9.78
C GLY B 21 9.16 -14.47 -10.95
N VAL B 22 9.57 -15.73 -11.14
CA VAL B 22 9.03 -16.55 -12.23
C VAL B 22 7.51 -16.74 -12.12
N LEU B 23 7.03 -17.05 -10.91
CA LEU B 23 5.60 -17.26 -10.68
C LEU B 23 4.78 -15.99 -10.88
N ALA B 24 5.42 -14.83 -10.68
CA ALA B 24 4.79 -13.54 -10.90
C ALA B 24 4.94 -13.05 -12.35
N GLY B 25 5.52 -13.89 -13.19
CA GLY B 25 5.56 -13.63 -14.64
C GLY B 25 6.81 -12.97 -15.18
N ILE B 26 7.82 -12.77 -14.35
CA ILE B 26 9.07 -12.18 -14.82
C ILE B 26 9.83 -13.21 -15.65
N ASP B 27 10.38 -12.76 -16.78
CA ASP B 27 11.21 -13.60 -17.64
C ASP B 27 12.24 -14.37 -16.82
N GLU B 28 12.35 -15.67 -17.06
CA GLU B 28 13.30 -16.51 -16.34
C GLU B 28 14.74 -15.99 -16.41
N ALA B 29 15.07 -15.25 -17.47
CA ALA B 29 16.40 -14.70 -17.65
C ALA B 29 16.73 -13.50 -16.74
N SER B 30 15.70 -12.88 -16.16
CA SER B 30 15.90 -11.70 -15.32
C SER B 30 15.25 -11.79 -13.92
N ALA B 31 14.55 -12.88 -13.66
CA ALA B 31 13.78 -13.04 -12.42
C ALA B 31 14.64 -12.92 -11.16
N SER B 32 15.75 -13.66 -11.10
CA SER B 32 16.59 -13.65 -9.90
C SER B 32 17.11 -12.25 -9.60
N ALA B 33 17.62 -11.59 -10.62
CA ALA B 33 18.20 -10.26 -10.48
C ALA B 33 17.14 -9.27 -10.04
N ARG B 34 16.02 -9.25 -10.76
CA ARG B 34 14.96 -8.29 -10.48
C ARG B 34 14.39 -8.44 -9.08
N MET B 35 14.11 -9.69 -8.69
CA MET B 35 13.54 -9.95 -7.38
C MET B 35 14.52 -9.60 -6.27
N ASN B 36 15.80 -9.84 -6.51
CA ASN B 36 16.83 -9.43 -5.56
C ASN B 36 16.89 -7.91 -5.41
N GLN B 37 16.86 -7.19 -6.53
CA GLN B 37 16.87 -5.72 -6.51
C GLN B 37 15.69 -5.18 -5.71
N TYR B 38 14.51 -5.79 -5.89
CA TYR B 38 13.34 -5.38 -5.11
C TYR B 38 13.52 -5.66 -3.62
N GLU B 39 14.01 -6.83 -3.25
CA GLU B 39 14.12 -7.20 -1.83
C GLU B 39 15.25 -6.46 -1.11
N LYS B 40 16.26 -6.05 -1.87
CA LYS B 40 17.38 -5.29 -1.32
C LYS B 40 17.14 -3.77 -1.36
N GLY B 41 16.06 -3.37 -2.02
CA GLY B 41 15.69 -1.96 -2.13
C GLY B 41 16.51 -1.18 -3.15
N LYS B 42 17.12 -1.89 -4.10
CA LYS B 42 17.87 -1.26 -5.19
C LYS B 42 16.94 -0.51 -6.15
N HIS B 43 15.85 -1.16 -6.54
CA HIS B 43 14.82 -0.59 -7.39
C HIS B 43 13.45 -0.96 -6.82
N ALA B 44 12.44 -0.13 -7.09
CA ALA B 44 11.07 -0.44 -6.66
C ALA B 44 10.25 -1.01 -7.83
N PRO B 45 9.46 -2.07 -7.56
CA PRO B 45 8.56 -2.58 -8.58
C PRO B 45 7.41 -1.60 -8.77
N ASP B 46 6.82 -1.57 -9.97
CA ASP B 46 5.60 -0.78 -10.15
C ASP B 46 4.41 -1.49 -9.50
N PHE B 47 3.31 -0.78 -9.35
CA PHE B 47 2.15 -1.32 -8.66
C PHE B 47 1.58 -2.58 -9.31
N GLU B 48 1.58 -2.62 -10.64
CA GLU B 48 1.13 -3.82 -11.34
C GLU B 48 1.96 -5.03 -10.94
N MET B 49 3.28 -4.88 -10.89
CA MET B 49 4.15 -5.97 -10.46
C MET B 49 3.88 -6.35 -9.01
N ALA B 50 3.71 -5.35 -8.14
CA ALA B 50 3.43 -5.59 -6.73
C ALA B 50 2.18 -6.43 -6.55
N ASN B 51 1.14 -6.12 -7.33
CA ASN B 51 -0.09 -6.91 -7.33
C ASN B 51 0.13 -8.38 -7.73
N ARG B 52 0.99 -8.60 -8.71
CA ARG B 52 1.31 -9.95 -9.16
C ARG B 52 2.11 -10.70 -8.10
N LEU B 53 3.03 -10.01 -7.44
CA LEU B 53 3.79 -10.57 -6.32
C LEU B 53 2.84 -10.95 -5.18
N ALA B 54 1.93 -10.04 -4.85
CA ALA B 54 0.99 -10.26 -3.76
C ALA B 54 0.13 -11.49 -4.03
N LYS B 55 -0.26 -11.68 -5.29
CA LYS B 55 -1.04 -12.85 -5.68
C LYS B 55 -0.28 -14.13 -5.35
N VAL B 56 0.98 -14.21 -5.79
CA VAL B 56 1.82 -15.39 -5.54
C VAL B 56 2.00 -15.63 -4.04
N LEU B 57 2.21 -14.55 -3.31
CA LEU B 57 2.46 -14.61 -1.86
C LEU B 57 1.19 -14.83 -1.03
N LYS B 58 0.02 -14.82 -1.66
CA LYS B 58 -1.27 -14.99 -0.99
C LYS B 58 -1.46 -13.96 0.14
N ILE B 59 -1.19 -12.70 -0.18
CA ILE B 59 -1.37 -11.59 0.75
C ILE B 59 -2.12 -10.46 0.04
N PRO B 60 -2.77 -9.58 0.81
CA PRO B 60 -3.33 -8.39 0.17
C PRO B 60 -2.18 -7.47 -0.21
N VAL B 61 -2.26 -6.83 -1.37
CA VAL B 61 -1.13 -6.05 -1.89
C VAL B 61 -0.68 -4.93 -0.94
N SER B 62 -1.62 -4.33 -0.20
CA SER B 62 -1.28 -3.20 0.65
C SER B 62 -0.41 -3.56 1.86
N TYR B 63 -0.32 -4.85 2.18
CA TYR B 63 0.63 -5.31 3.20
C TYR B 63 2.04 -4.84 2.86
N LEU B 64 2.38 -4.88 1.58
CA LEU B 64 3.70 -4.49 1.09
C LEU B 64 3.96 -2.99 1.18
N TYR B 65 2.91 -2.22 1.48
CA TYR B 65 2.99 -0.76 1.54
C TYR B 65 2.58 -0.20 2.92
N THR B 66 2.48 -1.07 3.93
CA THR B 66 2.06 -0.68 5.29
C THR B 66 3.24 -0.66 6.27
N PRO B 67 3.75 0.55 6.63
CA PRO B 67 4.91 0.61 7.54
C PRO B 67 4.56 0.32 9.00
N GLU B 68 3.28 0.48 9.36
CA GLU B 68 2.83 0.29 10.73
C GLU B 68 2.69 -1.21 11.02
N ASP B 69 3.52 -1.72 11.92
CA ASP B 69 3.56 -3.16 12.21
C ASP B 69 2.21 -3.70 12.66
N ASP B 70 1.51 -2.94 13.52
CA ASP B 70 0.23 -3.40 14.04
C ASP B 70 -0.85 -3.46 12.96
N LEU B 71 -0.88 -2.46 12.07
CA LEU B 71 -1.81 -2.44 10.97
C LEU B 71 -1.48 -3.53 9.94
N ALA B 72 -0.19 -3.74 9.68
CA ALA B 72 0.24 -4.79 8.77
C ALA B 72 -0.20 -6.17 9.24
N GLN B 73 -0.11 -6.43 10.55
CA GLN B 73 -0.63 -7.66 11.15
C GLN B 73 -2.15 -7.79 10.96
N ILE B 74 -2.88 -6.69 11.16
CA ILE B 74 -4.34 -6.67 10.93
C ILE B 74 -4.65 -7.08 9.49
N ILE B 75 -3.91 -6.51 8.55
CA ILE B 75 -4.08 -6.80 7.13
C ILE B 75 -3.92 -8.30 6.83
N LEU B 76 -2.88 -8.92 7.41
CA LEU B 76 -2.65 -10.35 7.25
C LEU B 76 -3.74 -11.20 7.90
N THR B 77 -4.22 -10.76 9.05
CA THR B 77 -5.28 -11.48 9.77
C THR B 77 -6.58 -11.39 8.98
N TRP B 78 -6.96 -10.16 8.60
CA TRP B 78 -8.14 -9.92 7.77
C TRP B 78 -8.11 -10.81 6.53
N ASN B 79 -6.94 -10.91 5.92
CA ASN B 79 -6.71 -11.75 4.74
C ASN B 79 -7.23 -13.19 4.90
N GLU B 80 -7.12 -13.73 6.11
CA GLU B 80 -7.49 -15.12 6.38
C GLU B 80 -8.89 -15.31 6.94
N LEU B 81 -9.58 -14.22 7.24
CA LEU B 81 -10.94 -14.29 7.75
C LEU B 81 -11.91 -14.64 6.64
N ASN B 82 -12.87 -15.52 6.94
CA ASN B 82 -13.97 -15.80 6.02
C ASN B 82 -14.95 -14.64 5.98
N GLU B 83 -15.85 -14.66 4.99
CA GLU B 83 -16.74 -13.52 4.74
C GLU B 83 -17.68 -13.19 5.90
N GLN B 84 -18.02 -14.19 6.70
CA GLN B 84 -18.82 -13.98 7.92
C GLN B 84 -18.02 -13.30 9.02
N GLU B 85 -16.76 -13.69 9.15
CA GLU B 85 -15.85 -13.07 10.11
C GLU B 85 -15.59 -11.60 9.75
N ARG B 86 -15.49 -11.32 8.45
CA ARG B 86 -15.30 -9.95 7.97
C ARG B 86 -16.51 -9.07 8.24
N LYS B 87 -17.71 -9.65 8.13
CA LYS B 87 -18.94 -8.93 8.50
C LYS B 87 -18.91 -8.46 9.96
N ARG B 88 -18.35 -9.29 10.85
CA ARG B 88 -18.23 -8.96 12.27
C ARG B 88 -17.35 -7.73 12.51
N ILE B 89 -16.27 -7.62 11.75
CA ILE B 89 -15.38 -6.46 11.83
C ILE B 89 -16.05 -5.26 11.18
N ASN B 90 -16.68 -5.50 10.03
CA ASN B 90 -17.34 -4.46 9.25
C ASN B 90 -18.34 -3.66 10.08
N PHE B 91 -19.24 -4.37 10.75
CA PHE B 91 -20.20 -3.76 11.66
C PHE B 91 -19.43 -3.01 12.73
N TYR B 92 -18.44 -3.68 13.30
CA TYR B 92 -17.72 -3.20 14.47
C TYR B 92 -17.35 -1.72 14.40
#